data_4IAB
#
_entry.id   4IAB
#
_cell.length_a   43.731
_cell.length_b   213.875
_cell.length_c   153.643
_cell.angle_alpha   90.00
_cell.angle_beta   90.00
_cell.angle_gamma   90.00
#
_symmetry.space_group_name_H-M   'C 2 2 21'
#
loop_
_entity.id
_entity.type
_entity.pdbx_description
1 polymer 'hypothetical protein'
2 non-polymer 'UNKNOWN LIGAND'
3 non-polymer GLYCEROL
4 non-polymer DI(HYDROXYETHYL)ETHER
5 water water
#
_entity_poly.entity_id   1
_entity_poly.type   'polypeptide(L)'
_entity_poly.pdbx_seq_one_letter_code
;GQESAEFRPAELAGIWQLCHYVSEIPDVPGILKPSNTFKVLSDDGRIVNFT(MSE)IPGKDAIITGYGTYQQLTDNSYKE
SIEKNIHLP(MSE)LDHKDNILEFEIGDDGV(MSE)YLKYFIAKDLNGNELNTWFHETWKRVG(MSE)PAKFPEDLVR
;
_entity_poly.pdbx_strand_id   A,B,C,D
#
loop_
_chem_comp.id
_chem_comp.type
_chem_comp.name
_chem_comp.formula
GOL non-polymer GLYCEROL 'C3 H8 O3'
PEG non-polymer DI(HYDROXYETHYL)ETHER 'C4 H10 O3'
UNL non-polymer 'UNKNOWN LIGAND' ?
#
# COMPACT_ATOMS: atom_id res chain seq x y z
N GLY A 1 -34.39 -7.76 -14.84
CA GLY A 1 -34.71 -8.93 -15.71
C GLY A 1 -33.43 -9.50 -16.22
N GLN A 2 -33.52 -10.74 -16.67
CA GLN A 2 -32.36 -11.52 -17.07
C GLN A 2 -32.33 -11.81 -18.57
N GLU A 3 -31.19 -11.65 -19.23
CA GLU A 3 -31.09 -12.18 -20.63
C GLU A 3 -31.25 -13.70 -20.62
N SER A 4 -31.68 -14.26 -21.75
CA SER A 4 -31.88 -15.70 -21.83
C SER A 4 -30.66 -16.50 -21.34
N ALA A 5 -30.90 -17.44 -20.41
CA ALA A 5 -29.88 -18.37 -19.92
C ALA A 5 -29.90 -19.71 -20.66
N GLU A 6 -30.72 -19.82 -21.70
CA GLU A 6 -31.00 -21.11 -22.37
C GLU A 6 -29.94 -21.41 -23.44
N PHE A 7 -28.77 -21.79 -22.95
CA PHE A 7 -27.64 -22.21 -23.75
C PHE A 7 -26.80 -23.04 -22.83
N ARG A 8 -25.95 -23.89 -23.39
CA ARG A 8 -25.00 -24.65 -22.58
C ARG A 8 -23.71 -23.84 -22.53
N PRO A 9 -23.34 -23.35 -21.34
CA PRO A 9 -22.17 -22.45 -21.30
C PRO A 9 -20.91 -23.05 -21.90
N ALA A 10 -20.25 -22.27 -22.74
CA ALA A 10 -19.01 -22.63 -23.38
C ALA A 10 -17.89 -21.89 -22.68
N GLU A 11 -16.68 -22.36 -22.94
CA GLU A 11 -15.47 -21.78 -22.29
C GLU A 11 -14.94 -20.57 -23.02
N LEU A 12 -15.78 -19.55 -23.12
CA LEU A 12 -15.42 -18.34 -23.86
C LEU A 12 -14.46 -17.44 -23.10
N ALA A 13 -14.64 -17.34 -21.79
CA ALA A 13 -13.81 -16.43 -20.99
C ALA A 13 -12.34 -16.78 -21.11
N GLY A 14 -11.52 -15.77 -21.28
CA GLY A 14 -10.08 -15.99 -21.46
C GLY A 14 -9.45 -14.82 -22.19
N ILE A 15 -8.14 -14.89 -22.30
CA ILE A 15 -7.39 -14.00 -23.16
C ILE A 15 -7.06 -14.81 -24.41
N TRP A 16 -7.41 -14.29 -25.57
CA TRP A 16 -7.30 -14.99 -26.84
C TRP A 16 -6.35 -14.22 -27.76
N GLN A 17 -5.51 -14.96 -28.48
CA GLN A 17 -4.55 -14.34 -29.38
C GLN A 17 -4.94 -14.65 -30.81
N LEU A 18 -5.01 -13.62 -31.62
CA LEU A 18 -5.41 -13.78 -33.02
C LEU A 18 -4.30 -14.50 -33.77
N CYS A 19 -4.68 -15.46 -34.59
CA CYS A 19 -3.76 -16.19 -35.43
C CYS A 19 -4.00 -15.97 -36.92
N HIS A 20 -2.97 -16.27 -37.67
CA HIS A 20 -3.08 -16.29 -39.11
C HIS A 20 -2.29 -17.48 -39.67
N TYR A 21 -2.27 -17.59 -40.98
CA TYR A 21 -1.75 -18.74 -41.65
C TYR A 21 -0.55 -18.32 -42.50
N VAL A 22 0.57 -18.96 -42.25
CA VAL A 22 1.86 -18.56 -42.80
C VAL A 22 2.45 -19.68 -43.64
N SER A 23 2.85 -19.33 -44.85
CA SER A 23 3.50 -20.20 -45.76
CA SER A 23 3.53 -20.21 -45.77
C SER A 23 4.79 -19.55 -46.30
N GLU A 24 5.83 -20.34 -46.52
CA GLU A 24 7.10 -19.82 -47.04
CA GLU A 24 7.08 -19.75 -47.01
C GLU A 24 7.05 -19.72 -48.53
N ILE A 25 6.05 -20.38 -49.10
CA ILE A 25 5.87 -20.58 -50.53
C ILE A 25 4.60 -19.94 -51.11
N PRO A 26 4.70 -19.23 -52.26
CA PRO A 26 3.61 -18.39 -52.83
C PRO A 26 2.18 -19.01 -52.82
N ASP A 27 2.02 -20.18 -53.39
CA ASP A 27 0.66 -20.61 -53.76
C ASP A 27 0.14 -21.74 -52.90
N VAL A 28 0.74 -21.90 -51.72
CA VAL A 28 0.46 -23.01 -50.86
C VAL A 28 -0.15 -22.46 -49.58
N PRO A 29 -1.21 -23.11 -49.07
CA PRO A 29 -1.80 -22.66 -47.80
C PRO A 29 -0.87 -22.80 -46.58
N GLY A 30 -0.99 -21.83 -45.68
CA GLY A 30 -0.09 -21.71 -44.58
C GLY A 30 -0.50 -22.49 -43.35
N ILE A 31 0.40 -22.50 -42.37
CA ILE A 31 0.08 -23.12 -41.10
C ILE A 31 -0.15 -22.03 -40.05
N LEU A 32 -0.84 -22.43 -39.00
CA LEU A 32 -1.30 -21.51 -37.98
C LEU A 32 -0.15 -20.92 -37.20
N LYS A 33 -0.12 -19.58 -37.14
CA LYS A 33 0.88 -18.88 -36.37
C LYS A 33 0.22 -17.74 -35.61
N PRO A 34 0.74 -17.39 -34.43
CA PRO A 34 0.13 -16.32 -33.63
C PRO A 34 0.48 -14.93 -34.13
N SER A 35 -0.44 -14.00 -33.96
CA SER A 35 -0.13 -12.63 -34.42
CA SER A 35 -0.26 -12.62 -34.42
C SER A 35 -0.14 -11.64 -33.25
N ASN A 36 -0.50 -10.38 -33.47
CA ASN A 36 -0.27 -9.30 -32.54
C ASN A 36 -1.50 -8.74 -31.85
N THR A 37 -2.62 -9.43 -31.99
CA THR A 37 -3.91 -8.92 -31.55
C THR A 37 -4.47 -9.86 -30.51
N PHE A 38 -5.13 -9.28 -29.51
CA PHE A 38 -5.71 -10.01 -28.36
C PHE A 38 -7.16 -9.65 -28.17
N LYS A 39 -7.96 -10.62 -27.82
CA LYS A 39 -9.33 -10.42 -27.37
C LYS A 39 -9.44 -10.91 -25.92
N VAL A 40 -9.78 -9.99 -25.03
CA VAL A 40 -10.05 -10.32 -23.66
C VAL A 40 -11.56 -10.50 -23.51
N LEU A 41 -11.98 -11.72 -23.28
CA LEU A 41 -13.36 -12.07 -22.92
C LEU A 41 -13.36 -12.27 -21.42
N SER A 42 -13.76 -11.26 -20.69
CA SER A 42 -13.59 -11.31 -19.21
C SER A 42 -14.59 -12.25 -18.58
N ASP A 43 -14.26 -12.71 -17.37
CA ASP A 43 -15.21 -13.50 -16.56
C ASP A 43 -16.49 -12.74 -16.23
N ASP A 44 -16.46 -11.43 -16.29
CA ASP A 44 -17.63 -10.61 -15.93
C ASP A 44 -18.29 -9.94 -17.15
N GLY A 45 -18.16 -10.58 -18.31
CA GLY A 45 -18.99 -10.24 -19.48
C GLY A 45 -18.60 -9.08 -20.35
N ARG A 46 -17.35 -8.65 -20.22
CA ARG A 46 -16.81 -7.54 -21.01
C ARG A 46 -15.86 -8.03 -22.08
N ILE A 47 -15.88 -7.38 -23.24
CA ILE A 47 -14.98 -7.72 -24.34
C ILE A 47 -14.13 -6.52 -24.71
N VAL A 48 -12.83 -6.77 -24.88
CA VAL A 48 -11.91 -5.76 -25.42
C VAL A 48 -11.00 -6.43 -26.46
N ASN A 49 -10.88 -5.81 -27.64
CA ASN A 49 -9.89 -6.16 -28.65
C ASN A 49 -8.79 -5.16 -28.61
N PHE A 50 -7.55 -5.62 -28.58
CA PHE A 50 -6.42 -4.71 -28.72
C PHE A 50 -5.23 -5.35 -29.45
N THR A 51 -4.43 -4.47 -30.05
CA THR A 51 -3.34 -4.82 -30.94
C THR A 51 -2.06 -4.15 -30.48
N MSE A 52 -1.05 -4.98 -30.45
N MSE A 52 -1.03 -4.95 -30.29
CA MSE A 52 0.28 -4.53 -30.21
CA MSE A 52 0.27 -4.50 -29.91
C MSE A 52 0.79 -3.80 -31.37
C MSE A 52 1.03 -4.06 -31.10
O MSE A 52 0.41 -4.06 -32.53
O MSE A 52 1.11 -4.85 -32.06
CB MSE A 52 1.25 -5.69 -30.23
CB MSE A 52 1.06 -5.66 -29.37
CG MSE A 52 2.11 -5.57 -28.99
CG MSE A 52 2.23 -6.01 -30.30
SE MSE A 52 1.31 -6.90 -27.84
SE MSE A 52 3.89 -5.45 -29.42
CE MSE A 52 -0.52 -6.17 -27.83
CE MSE A 52 3.16 -4.99 -27.64
N ILE A 53 1.65 -2.86 -31.07
CA ILE A 53 2.42 -2.26 -32.14
C ILE A 53 3.84 -2.23 -31.65
N PRO A 54 4.69 -3.16 -32.13
CA PRO A 54 6.07 -3.36 -31.64
C PRO A 54 6.83 -2.04 -31.45
N GLY A 55 7.46 -1.94 -30.29
CA GLY A 55 8.15 -0.69 -29.93
C GLY A 55 7.29 0.55 -29.68
N LYS A 56 5.96 0.42 -29.75
CA LYS A 56 5.05 1.57 -29.60
C LYS A 56 3.87 1.24 -28.64
N ASP A 57 2.97 2.20 -28.39
CA ASP A 57 1.83 1.98 -27.50
C ASP A 57 0.85 1.02 -28.16
N ALA A 58 0.40 -0.01 -27.47
CA ALA A 58 -0.66 -0.88 -27.96
C ALA A 58 -1.95 -0.09 -28.01
N ILE A 59 -2.88 -0.53 -28.82
CA ILE A 59 -4.16 0.20 -29.00
C ILE A 59 -5.39 -0.67 -28.89
N ILE A 60 -6.40 -0.22 -28.15
CA ILE A 60 -7.68 -0.86 -28.16
C ILE A 60 -8.36 -0.54 -29.50
N THR A 61 -8.91 -1.56 -30.13
CA THR A 61 -9.60 -1.37 -31.42
C THR A 61 -11.10 -1.63 -31.33
N GLY A 62 -11.56 -2.16 -30.22
CA GLY A 62 -12.99 -2.41 -30.04
C GLY A 62 -13.30 -2.82 -28.64
N TYR A 63 -14.45 -2.42 -28.11
CA TYR A 63 -14.81 -2.90 -26.78
C TYR A 63 -16.30 -2.86 -26.62
N GLY A 64 -16.75 -3.60 -25.62
CA GLY A 64 -18.17 -3.67 -25.27
C GLY A 64 -18.46 -4.74 -24.27
N THR A 65 -19.65 -5.33 -24.36
CA THR A 65 -20.04 -6.43 -23.54
C THR A 65 -20.26 -7.65 -24.42
N TYR A 66 -20.30 -8.83 -23.82
CA TYR A 66 -20.65 -10.03 -24.61
C TYR A 66 -21.56 -10.92 -23.83
N GLN A 67 -22.26 -11.78 -24.55
CA GLN A 67 -23.30 -12.63 -24.01
C GLN A 67 -23.46 -13.85 -24.90
N GLN A 68 -23.30 -15.04 -24.33
CA GLN A 68 -23.57 -16.24 -25.07
C GLN A 68 -25.09 -16.32 -25.39
N LEU A 69 -25.39 -16.81 -26.57
CA LEU A 69 -26.77 -16.87 -27.09
C LEU A 69 -27.27 -18.27 -27.27
N THR A 70 -26.43 -19.11 -27.85
CA THR A 70 -26.73 -20.50 -28.09
C THR A 70 -25.50 -21.33 -27.76
N ASP A 71 -25.60 -22.65 -27.92
CA ASP A 71 -24.47 -23.49 -27.62
C ASP A 71 -23.23 -23.12 -28.45
N ASN A 72 -23.41 -22.57 -29.65
CA ASN A 72 -22.25 -22.18 -30.46
CA ASN A 72 -22.31 -22.23 -30.54
C ASN A 72 -22.32 -20.79 -31.08
N SER A 73 -22.96 -19.86 -30.36
CA SER A 73 -22.89 -18.46 -30.79
C SER A 73 -22.98 -17.55 -29.60
N TYR A 74 -22.36 -16.39 -29.77
CA TYR A 74 -22.42 -15.33 -28.78
C TYR A 74 -22.48 -13.99 -29.48
N LYS A 75 -22.99 -12.97 -28.77
CA LYS A 75 -22.97 -11.60 -29.30
C LYS A 75 -21.96 -10.74 -28.57
N GLU A 76 -21.36 -9.84 -29.35
CA GLU A 76 -20.58 -8.71 -28.87
C GLU A 76 -21.44 -7.50 -29.07
N SER A 77 -21.77 -6.84 -27.97
CA SER A 77 -22.50 -5.60 -28.02
C SER A 77 -21.44 -4.51 -28.00
N ILE A 78 -21.12 -4.03 -29.20
CA ILE A 78 -19.96 -3.20 -29.44
C ILE A 78 -20.35 -1.76 -29.19
N GLU A 79 -19.61 -1.07 -28.34
CA GLU A 79 -19.78 0.35 -28.15
CA GLU A 79 -19.82 0.36 -28.16
C GLU A 79 -19.12 1.05 -29.33
N LYS A 80 -17.81 0.85 -29.47
CA LYS A 80 -17.08 1.49 -30.56
C LYS A 80 -16.05 0.50 -31.07
N ASN A 81 -15.88 0.49 -32.39
CA ASN A 81 -14.92 -0.39 -33.02
C ASN A 81 -14.26 0.39 -34.12
N ILE A 82 -12.99 0.73 -33.95
CA ILE A 82 -12.31 1.52 -34.99
C ILE A 82 -11.78 0.65 -36.14
N HIS A 83 -11.68 -0.66 -35.92
CA HIS A 83 -11.34 -1.61 -37.01
C HIS A 83 -12.53 -1.80 -37.97
N LEU A 84 -13.72 -1.93 -37.37
CA LEU A 84 -14.95 -2.17 -38.07
C LEU A 84 -16.05 -1.19 -37.60
N PRO A 85 -15.98 0.06 -38.09
CA PRO A 85 -16.86 1.11 -37.55
C PRO A 85 -18.36 0.89 -37.84
N MSE A 86 -18.69 0.06 -38.84
CA MSE A 86 -20.13 -0.21 -39.10
CA MSE A 86 -20.07 -0.35 -39.14
C MSE A 86 -20.74 -0.98 -37.93
O MSE A 86 -21.97 -0.99 -37.79
CB MSE A 86 -20.47 -1.06 -40.31
CB MSE A 86 -20.08 -1.32 -40.37
CG MSE A 86 -20.11 -2.52 -40.30
CG MSE A 86 -19.05 -2.48 -40.42
SE MSE A 86 -18.16 -2.79 -40.31
SE MSE A 86 -18.58 -3.13 -42.25
CE MSE A 86 -17.59 -1.58 -41.77
CE MSE A 86 -16.61 -3.09 -42.14
N LEU A 87 -19.94 -1.58 -37.06
CA LEU A 87 -20.48 -2.26 -35.87
C LEU A 87 -20.74 -1.36 -34.63
N ASP A 88 -20.44 -0.07 -34.70
CA ASP A 88 -20.64 0.80 -33.53
C ASP A 88 -22.09 0.81 -33.06
N HIS A 89 -22.27 0.61 -31.75
CA HIS A 89 -23.59 0.61 -31.11
C HIS A 89 -24.52 -0.45 -31.68
N LYS A 90 -23.93 -1.53 -32.18
CA LYS A 90 -24.69 -2.64 -32.69
C LYS A 90 -24.20 -3.97 -32.07
N ASP A 91 -25.03 -4.99 -32.24
CA ASP A 91 -24.67 -6.34 -31.86
C ASP A 91 -24.07 -7.04 -33.04
N ASN A 92 -23.00 -7.75 -32.80
CA ASN A 92 -22.42 -8.62 -33.80
C ASN A 92 -22.58 -10.03 -33.27
N ILE A 93 -23.16 -10.91 -34.06
CA ILE A 93 -23.31 -12.32 -33.62
C ILE A 93 -22.17 -13.17 -34.19
N LEU A 94 -21.43 -13.83 -33.31
CA LEU A 94 -20.27 -14.66 -33.70
C LEU A 94 -20.63 -16.10 -33.49
N GLU A 95 -20.54 -16.90 -34.55
CA GLU A 95 -20.65 -18.34 -34.41
C GLU A 95 -19.26 -18.85 -34.10
N PHE A 96 -19.14 -19.76 -33.14
CA PHE A 96 -17.85 -20.28 -32.71
C PHE A 96 -17.76 -21.78 -32.58
N GLU A 97 -16.52 -22.24 -32.69
CA GLU A 97 -16.14 -23.58 -32.42
CA GLU A 97 -16.10 -23.60 -32.46
C GLU A 97 -14.86 -23.55 -31.61
N ILE A 98 -14.91 -24.11 -30.40
CA ILE A 98 -13.76 -24.13 -29.49
C ILE A 98 -13.22 -25.54 -29.36
N GLY A 99 -11.97 -25.73 -29.76
CA GLY A 99 -11.33 -27.05 -29.69
C GLY A 99 -10.64 -27.31 -28.34
N ASP A 100 -10.53 -28.58 -27.98
CA ASP A 100 -9.76 -28.90 -26.75
C ASP A 100 -8.29 -28.50 -26.88
N ASP A 101 -7.81 -28.27 -28.11
CA ASP A 101 -6.44 -27.74 -28.33
C ASP A 101 -6.29 -26.22 -28.08
N GLY A 102 -7.34 -25.59 -27.64
CA GLY A 102 -7.28 -24.16 -27.30
C GLY A 102 -7.44 -23.24 -28.49
N VAL A 103 -7.76 -23.80 -29.67
CA VAL A 103 -8.01 -23.02 -30.86
C VAL A 103 -9.52 -22.79 -30.99
N MSE A 104 -9.88 -21.53 -31.16
CA MSE A 104 -11.30 -21.10 -31.40
C MSE A 104 -11.45 -20.47 -32.78
O MSE A 104 -10.72 -19.55 -33.14
CB MSE A 104 -11.76 -20.12 -30.33
CG MSE A 104 -13.16 -19.63 -30.62
SE MSE A 104 -13.89 -18.54 -29.13
CE MSE A 104 -12.70 -16.98 -29.20
N TYR A 105 -12.38 -21.00 -33.57
CA TYR A 105 -12.75 -20.44 -34.84
C TYR A 105 -14.01 -19.62 -34.66
N LEU A 106 -14.00 -18.41 -35.20
CA LEU A 106 -15.11 -17.47 -35.14
C LEU A 106 -15.50 -17.10 -36.54
N LYS A 107 -16.79 -16.93 -36.77
CA LYS A 107 -17.23 -16.30 -38.00
C LYS A 107 -18.45 -15.40 -37.69
N TYR A 108 -18.55 -14.32 -38.45
CA TYR A 108 -19.63 -13.35 -38.32
C TYR A 108 -19.89 -12.71 -39.69
N PHE A 109 -21.14 -12.27 -39.88
CA PHE A 109 -21.66 -11.71 -41.11
C PHE A 109 -21.91 -10.22 -41.01
N ILE A 110 -21.46 -9.44 -41.99
CA ILE A 110 -21.75 -7.99 -42.01
C ILE A 110 -22.41 -7.62 -43.34
N ALA A 111 -23.57 -6.97 -43.26
CA ALA A 111 -24.43 -6.71 -44.44
C ALA A 111 -23.97 -5.48 -45.24
N LYS A 112 -23.74 -4.36 -44.54
CA LYS A 112 -23.47 -3.05 -45.15
C LYS A 112 -22.27 -2.39 -44.51
N ASP A 113 -21.51 -1.62 -45.29
CA ASP A 113 -20.41 -0.82 -44.68
C ASP A 113 -21.00 0.47 -44.09
N LEU A 114 -20.14 1.32 -43.55
CA LEU A 114 -20.59 2.52 -42.84
C LEU A 114 -21.30 3.49 -43.80
N ASN A 115 -20.86 3.51 -45.06
CA ASN A 115 -21.48 4.34 -46.09
C ASN A 115 -22.74 3.71 -46.71
N GLY A 116 -23.22 2.58 -46.18
CA GLY A 116 -24.44 1.94 -46.67
C GLY A 116 -24.29 1.04 -47.90
N ASN A 117 -23.08 0.96 -48.44
CA ASN A 117 -22.77 0.03 -49.52
C ASN A 117 -22.96 -1.43 -49.11
N GLU A 118 -23.54 -2.23 -50.02
CA GLU A 118 -23.72 -3.67 -49.82
C GLU A 118 -22.39 -4.38 -49.65
N LEU A 119 -22.31 -5.22 -48.63
CA LEU A 119 -21.09 -5.92 -48.30
C LEU A 119 -21.33 -7.44 -48.25
N ASN A 120 -22.33 -7.84 -47.48
CA ASN A 120 -22.82 -9.22 -47.38
C ASN A 120 -21.70 -10.26 -47.32
N THR A 121 -20.81 -10.03 -46.36
CA THR A 121 -19.57 -10.77 -46.25
C THR A 121 -19.50 -11.48 -44.91
N TRP A 122 -19.17 -12.76 -44.97
CA TRP A 122 -18.76 -13.52 -43.80
C TRP A 122 -17.30 -13.29 -43.52
N PHE A 123 -17.01 -12.91 -42.28
N PHE A 123 -16.99 -13.02 -42.26
CA PHE A 123 -15.65 -12.81 -41.78
CA PHE A 123 -15.61 -12.85 -41.85
C PHE A 123 -15.32 -14.11 -41.05
C PHE A 123 -15.22 -13.97 -40.89
N HIS A 124 -14.06 -14.56 -41.15
CA HIS A 124 -13.57 -15.75 -40.45
C HIS A 124 -12.29 -15.43 -39.74
N GLU A 125 -12.21 -15.86 -38.48
CA GLU A 125 -11.06 -15.63 -37.61
C GLU A 125 -10.68 -16.89 -36.87
N THR A 126 -9.39 -17.02 -36.60
CA THR A 126 -8.84 -18.08 -35.78
C THR A 126 -8.11 -17.46 -34.61
N TRP A 127 -8.46 -17.89 -33.40
CA TRP A 127 -7.92 -17.40 -32.13
C TRP A 127 -7.34 -18.54 -31.32
N LYS A 128 -6.35 -18.26 -30.49
CA LYS A 128 -5.73 -19.27 -29.64
C LYS A 128 -5.75 -18.81 -28.20
N ARG A 129 -6.20 -19.67 -27.30
CA ARG A 129 -6.23 -19.33 -25.87
C ARG A 129 -4.84 -19.12 -25.34
N VAL A 130 -4.62 -17.98 -24.70
CA VAL A 130 -3.36 -17.71 -24.03
C VAL A 130 -3.33 -18.40 -22.67
N GLY A 131 -2.21 -19.04 -22.39
CA GLY A 131 -2.01 -19.76 -21.14
C GLY A 131 -0.71 -19.44 -20.46
N MSE A 132 -0.51 -20.08 -19.30
CA MSE A 132 0.68 -19.93 -18.49
C MSE A 132 1.57 -21.11 -18.81
O MSE A 132 1.13 -22.25 -18.60
CB MSE A 132 0.32 -19.87 -16.98
CG MSE A 132 1.61 -19.81 -16.22
SE MSE A 132 1.30 -19.71 -14.28
CE MSE A 132 1.10 -17.79 -14.09
N PRO A 133 2.78 -20.88 -19.33
CA PRO A 133 3.68 -22.00 -19.60
C PRO A 133 4.25 -22.58 -18.31
N ALA A 134 4.83 -23.77 -18.42
CA ALA A 134 5.48 -24.40 -17.29
C ALA A 134 6.61 -23.57 -16.66
N LYS A 135 7.45 -23.03 -17.53
CA LYS A 135 8.65 -22.34 -17.18
C LYS A 135 8.63 -20.88 -17.65
N PHE A 136 9.08 -19.97 -16.79
CA PHE A 136 9.38 -18.59 -17.17
C PHE A 136 10.62 -18.60 -18.05
N PRO A 137 10.51 -18.19 -19.33
CA PRO A 137 11.72 -18.19 -20.17
C PRO A 137 12.77 -17.23 -19.61
N GLU A 138 14.01 -17.71 -19.45
CA GLU A 138 15.06 -17.01 -18.72
C GLU A 138 15.43 -15.66 -19.33
N ASP A 139 15.30 -15.58 -20.64
CA ASP A 139 15.71 -14.40 -21.36
C ASP A 139 14.51 -13.58 -21.84
N LEU A 140 13.31 -13.77 -21.25
CA LEU A 140 12.10 -13.08 -21.71
C LEU A 140 12.30 -11.59 -21.71
N VAL A 141 11.95 -10.95 -22.81
CA VAL A 141 11.96 -9.48 -22.90
C VAL A 141 10.60 -8.96 -22.46
N ARG A 142 10.53 -8.51 -21.21
CA ARG A 142 9.24 -8.10 -20.69
C ARG A 142 8.89 -6.71 -21.22
N PHE B 7 -11.88 4.83 0.91
CA PHE B 7 -10.96 5.41 -0.13
C PHE B 7 -11.71 6.03 -1.34
N ARG B 8 -11.02 6.93 -2.03
CA ARG B 8 -11.47 7.46 -3.34
C ARG B 8 -11.13 6.44 -4.45
N PRO B 9 -12.20 5.87 -5.13
CA PRO B 9 -11.84 4.73 -5.99
C PRO B 9 -11.06 5.21 -7.17
N ALA B 10 -9.89 4.63 -7.36
CA ALA B 10 -9.05 4.93 -8.46
C ALA B 10 -9.50 4.09 -9.63
N GLU B 11 -9.18 4.53 -10.82
CA GLU B 11 -9.60 3.79 -12.01
C GLU B 11 -8.49 2.81 -12.35
N LEU B 12 -8.38 1.77 -11.51
CA LEU B 12 -7.39 0.73 -11.72
C LEU B 12 -7.81 -0.23 -12.82
N ALA B 13 -9.11 -0.53 -12.89
CA ALA B 13 -9.60 -1.49 -13.88
C ALA B 13 -9.26 -1.00 -15.27
N GLY B 14 -8.76 -1.91 -16.10
CA GLY B 14 -8.29 -1.54 -17.41
C GLY B 14 -7.20 -2.46 -17.89
N ILE B 15 -6.64 -2.13 -19.04
CA ILE B 15 -5.48 -2.83 -19.56
C ILE B 15 -4.30 -1.89 -19.51
N TRP B 16 -3.20 -2.36 -18.92
CA TRP B 16 -2.00 -1.57 -18.66
C TRP B 16 -0.83 -2.16 -19.42
N GLN B 17 0.03 -1.32 -20.00
CA GLN B 17 1.21 -1.78 -20.71
C GLN B 17 2.47 -1.39 -19.95
N LEU B 18 3.33 -2.36 -19.69
CA LEU B 18 4.58 -2.09 -19.00
C LEU B 18 5.43 -1.21 -19.85
N CYS B 19 6.15 -0.29 -19.20
CA CYS B 19 7.11 0.58 -19.85
C CYS B 19 8.49 0.54 -19.21
N HIS B 20 9.49 1.02 -19.97
CA HIS B 20 10.84 1.15 -19.48
CA HIS B 20 10.87 1.09 -19.57
C HIS B 20 11.42 2.45 -19.99
N TYR B 21 12.67 2.73 -19.60
CA TYR B 21 13.34 3.97 -19.96
C TYR B 21 14.52 3.66 -20.85
N VAL B 22 14.64 4.39 -21.94
CA VAL B 22 15.67 4.16 -22.96
C VAL B 22 16.52 5.40 -23.21
N SER B 23 17.85 5.25 -23.27
CA SER B 23 18.75 6.29 -23.70
CA SER B 23 18.76 6.28 -23.68
C SER B 23 19.73 5.72 -24.71
N GLU B 24 20.28 6.57 -25.55
CA GLU B 24 21.21 6.15 -26.57
C GLU B 24 22.60 6.10 -25.97
N ILE B 25 22.78 6.72 -24.80
CA ILE B 25 24.10 6.86 -24.20
C ILE B 25 24.04 6.45 -22.74
N PRO B 26 25.16 5.96 -22.19
CA PRO B 26 25.10 5.46 -20.81
C PRO B 26 25.07 6.61 -19.81
N ASP B 27 24.74 6.31 -18.56
CA ASP B 27 24.97 7.26 -17.44
C ASP B 27 24.09 8.52 -17.52
N VAL B 28 22.92 8.38 -18.11
CA VAL B 28 21.96 9.46 -18.24
CA VAL B 28 21.95 9.45 -18.18
C VAL B 28 20.58 8.84 -18.06
N PRO B 29 19.60 9.64 -17.62
CA PRO B 29 18.24 9.07 -17.57
C PRO B 29 17.64 8.88 -18.96
N GLY B 30 16.88 7.81 -19.12
CA GLY B 30 16.26 7.52 -20.39
C GLY B 30 14.87 8.10 -20.47
N ILE B 31 14.28 8.00 -21.65
CA ILE B 31 12.91 8.44 -21.84
C ILE B 31 11.98 7.22 -21.86
N LEU B 32 10.75 7.44 -21.47
CA LEU B 32 9.77 6.38 -21.33
CA LEU B 32 9.76 6.39 -21.34
C LEU B 32 9.39 5.76 -22.68
N LYS B 33 9.41 4.42 -22.76
CA LYS B 33 9.03 3.66 -23.94
C LYS B 33 8.23 2.41 -23.56
N PRO B 34 7.25 2.07 -24.36
CA PRO B 34 6.40 0.92 -24.00
C PRO B 34 7.10 -0.39 -24.30
N SER B 35 6.78 -1.41 -23.51
CA SER B 35 7.38 -2.71 -23.77
CA SER B 35 7.32 -2.74 -23.55
C SER B 35 6.30 -3.76 -24.06
N ASN B 36 6.51 -5.02 -23.70
CA ASN B 36 5.76 -6.13 -24.26
C ASN B 36 4.81 -6.83 -23.30
N THR B 37 4.66 -6.29 -22.11
CA THR B 37 3.91 -6.94 -21.04
C THR B 37 2.67 -6.11 -20.69
N PHE B 38 1.60 -6.82 -20.37
CA PHE B 38 0.30 -6.24 -20.08
C PHE B 38 -0.24 -6.77 -18.77
N LYS B 39 -0.88 -5.88 -18.02
CA LYS B 39 -1.61 -6.23 -16.80
C LYS B 39 -3.06 -5.92 -17.06
N VAL B 40 -3.87 -6.98 -17.02
CA VAL B 40 -5.30 -6.87 -17.18
C VAL B 40 -5.95 -6.88 -15.80
N LEU B 41 -6.51 -5.74 -15.42
CA LEU B 41 -7.23 -5.55 -14.13
C LEU B 41 -8.73 -5.48 -14.46
N SER B 42 -9.43 -6.56 -14.19
CA SER B 42 -10.84 -6.68 -14.52
CA SER B 42 -10.84 -6.70 -14.50
C SER B 42 -11.72 -5.97 -13.50
N ASP B 43 -12.94 -5.67 -13.91
CA ASP B 43 -13.88 -5.02 -13.00
C ASP B 43 -14.23 -5.87 -11.81
N ASP B 44 -14.25 -7.18 -12.00
CA ASP B 44 -14.61 -8.13 -10.95
C ASP B 44 -13.42 -8.49 -10.06
N GLY B 45 -12.29 -7.77 -10.16
CA GLY B 45 -11.17 -7.98 -9.25
C GLY B 45 -10.15 -9.04 -9.58
N ARG B 46 -10.12 -9.46 -10.84
CA ARG B 46 -9.10 -10.40 -11.32
CA ARG B 46 -9.11 -10.39 -11.35
CA ARG B 46 -9.10 -10.39 -11.31
C ARG B 46 -7.93 -9.62 -11.91
N ILE B 47 -6.72 -10.13 -11.67
CA ILE B 47 -5.50 -9.60 -12.26
C ILE B 47 -4.83 -10.69 -13.03
N VAL B 48 -4.39 -10.37 -14.26
CA VAL B 48 -3.56 -11.27 -15.08
C VAL B 48 -2.42 -10.48 -15.67
N ASN B 49 -1.19 -10.95 -15.56
CA ASN B 49 -0.07 -10.40 -16.30
C ASN B 49 0.28 -11.34 -17.43
N PHE B 50 0.53 -10.80 -18.62
CA PHE B 50 0.98 -11.64 -19.74
C PHE B 50 1.94 -10.81 -20.59
N THR B 51 2.81 -11.53 -21.31
CA THR B 51 3.84 -10.94 -22.09
C THR B 51 3.76 -11.47 -23.51
N MSE B 52 3.70 -10.56 -24.48
N MSE B 52 3.72 -10.55 -24.48
CA MSE B 52 3.74 -10.95 -25.87
CA MSE B 52 3.79 -10.88 -25.87
C MSE B 52 5.17 -11.20 -26.27
C MSE B 52 5.21 -11.24 -26.23
O MSE B 52 6.07 -10.47 -25.88
O MSE B 52 6.17 -10.63 -25.73
CB MSE B 52 3.10 -9.81 -26.70
CB MSE B 52 3.26 -9.66 -26.66
CG MSE B 52 4.21 -8.92 -27.18
CG MSE B 52 3.67 -9.66 -28.12
SE MSE B 52 4.47 -9.37 -29.08
SE MSE B 52 2.25 -10.50 -29.18
CE MSE B 52 4.26 -7.50 -29.68
CE MSE B 52 3.23 -11.01 -30.80
N ILE B 53 5.37 -12.24 -27.07
CA ILE B 53 6.67 -12.64 -27.60
C ILE B 53 6.58 -12.55 -29.11
N PRO B 54 7.26 -11.57 -29.73
CA PRO B 54 7.02 -11.36 -31.18
C PRO B 54 7.20 -12.64 -31.99
N GLY B 55 6.18 -12.93 -32.81
CA GLY B 55 6.18 -14.10 -33.65
C GLY B 55 5.86 -15.43 -32.99
N LYS B 56 5.68 -15.41 -31.67
CA LYS B 56 5.39 -16.61 -30.88
C LYS B 56 4.10 -16.44 -30.06
N ASP B 57 3.70 -17.49 -29.35
CA ASP B 57 2.56 -17.39 -28.46
C ASP B 57 2.88 -16.53 -27.26
N ALA B 58 1.98 -15.60 -26.94
CA ALA B 58 2.06 -14.87 -25.70
C ALA B 58 1.87 -15.81 -24.53
N ILE B 59 2.36 -15.39 -23.40
CA ILE B 59 2.34 -16.20 -22.19
C ILE B 59 1.85 -15.43 -20.98
N ILE B 60 0.94 -16.06 -20.26
CA ILE B 60 0.59 -15.58 -18.91
C ILE B 60 1.71 -15.82 -17.94
N THR B 61 2.10 -14.80 -17.18
CA THR B 61 3.18 -14.97 -16.19
C THR B 61 2.74 -14.78 -14.74
N GLY B 62 1.50 -14.39 -14.52
CA GLY B 62 0.98 -14.29 -13.14
C GLY B 62 -0.51 -14.03 -13.20
N TYR B 63 -1.22 -14.45 -12.17
CA TYR B 63 -2.61 -14.15 -12.02
C TYR B 63 -3.03 -14.31 -10.57
N GLY B 64 -4.17 -13.73 -10.30
CA GLY B 64 -4.84 -13.75 -9.03
C GLY B 64 -5.98 -12.76 -8.97
N THR B 65 -6.20 -12.19 -7.77
CA THR B 65 -7.22 -11.17 -7.55
C THR B 65 -6.56 -9.90 -7.02
N TYR B 66 -7.28 -8.81 -7.12
CA TYR B 66 -6.77 -7.52 -6.60
C TYR B 66 -7.87 -6.67 -6.01
N GLN B 67 -7.47 -5.75 -5.15
CA GLN B 67 -8.40 -4.91 -4.45
C GLN B 67 -7.69 -3.63 -4.01
N GLN B 68 -8.30 -2.49 -4.34
CA GLN B 68 -7.80 -1.22 -3.82
C GLN B 68 -7.95 -1.15 -2.31
N LEU B 69 -6.95 -0.61 -1.62
CA LEU B 69 -6.95 -0.51 -0.17
C LEU B 69 -7.07 0.92 0.36
N THR B 70 -6.35 1.83 -0.27
CA THR B 70 -6.29 3.23 0.08
C THR B 70 -6.21 4.05 -1.19
N ASP B 71 -6.15 5.36 -1.05
CA ASP B 71 -5.96 6.25 -2.20
C ASP B 71 -4.69 5.97 -3.01
N ASN B 72 -3.64 5.36 -2.41
CA ASN B 72 -2.46 5.04 -3.20
C ASN B 72 -1.95 3.65 -3.02
N SER B 73 -2.80 2.70 -2.66
CA SER B 73 -2.31 1.33 -2.56
C SER B 73 -3.39 0.34 -2.94
N TYR B 74 -2.94 -0.76 -3.50
CA TYR B 74 -3.83 -1.89 -3.77
C TYR B 74 -3.06 -3.18 -3.49
N LYS B 75 -3.79 -4.24 -3.25
CA LYS B 75 -3.23 -5.58 -3.02
C LYS B 75 -3.45 -6.45 -4.21
N GLU B 76 -2.42 -7.20 -4.60
CA GLU B 76 -2.59 -8.36 -5.47
C GLU B 76 -2.46 -9.63 -4.65
N SER B 77 -3.54 -10.40 -4.61
CA SER B 77 -3.53 -11.72 -3.99
C SER B 77 -3.17 -12.71 -5.07
N ILE B 78 -1.89 -13.00 -5.17
CA ILE B 78 -1.34 -13.82 -6.26
C ILE B 78 -1.61 -15.31 -6.06
N GLU B 79 -2.22 -15.96 -7.04
CA GLU B 79 -2.38 -17.41 -7.02
CA GLU B 79 -2.40 -17.40 -7.05
CA GLU B 79 -2.39 -17.41 -7.05
C GLU B 79 -1.10 -18.04 -7.54
N LYS B 80 -0.66 -17.69 -8.75
CA LYS B 80 0.59 -18.17 -9.27
C LYS B 80 1.29 -17.08 -10.06
N ASN B 81 2.60 -16.99 -9.92
CA ASN B 81 3.41 -16.03 -10.64
C ASN B 81 4.73 -16.69 -10.99
N ILE B 82 4.97 -16.93 -12.27
CA ILE B 82 6.20 -17.62 -12.64
C ILE B 82 7.36 -16.65 -12.79
N HIS B 83 7.08 -15.35 -12.88
CA HIS B 83 8.11 -14.36 -12.84
C HIS B 83 8.63 -14.17 -11.41
N LEU B 84 7.70 -14.15 -10.44
CA LEU B 84 7.96 -13.88 -9.03
C LEU B 84 7.33 -14.99 -8.17
N PRO B 85 7.93 -16.19 -8.18
CA PRO B 85 7.20 -17.32 -7.58
C PRO B 85 7.13 -17.30 -6.03
N MSE B 86 7.96 -16.48 -5.37
CA MSE B 86 7.78 -16.28 -3.91
C MSE B 86 6.46 -15.61 -3.59
O MSE B 86 6.02 -15.65 -2.41
CB MSE B 86 9.00 -15.47 -3.42
CG MSE B 86 8.89 -13.96 -3.54
SE MSE B 86 9.28 -13.44 -5.38
CE MSE B 86 11.24 -13.60 -5.34
N LEU B 87 5.76 -15.05 -4.58
CA LEU B 87 4.46 -14.45 -4.31
C LEU B 87 3.30 -15.44 -4.45
N ASP B 88 3.57 -16.67 -4.81
CA ASP B 88 2.51 -17.68 -4.93
C ASP B 88 1.74 -17.86 -3.62
N HIS B 89 0.42 -17.71 -3.68
CA HIS B 89 -0.52 -17.72 -2.56
C HIS B 89 -0.20 -16.70 -1.50
N LYS B 90 0.41 -15.58 -1.90
CA LYS B 90 0.69 -14.48 -1.02
C LYS B 90 0.03 -13.19 -1.48
N ASP B 91 -0.07 -12.22 -0.58
CA ASP B 91 -0.49 -10.87 -0.89
C ASP B 91 0.73 -10.01 -1.13
N ASN B 92 0.69 -9.23 -2.20
CA ASN B 92 1.68 -8.19 -2.50
C ASN B 92 0.97 -6.85 -2.41
N ILE B 93 1.48 -5.95 -1.58
CA ILE B 93 0.92 -4.60 -1.47
C ILE B 93 1.68 -3.66 -2.39
N LEU B 94 0.98 -3.02 -3.32
CA LEU B 94 1.60 -2.10 -4.25
C LEU B 94 1.15 -0.69 -3.96
N GLU B 95 2.10 0.22 -3.81
CA GLU B 95 1.81 1.64 -3.80
C GLU B 95 1.71 2.13 -5.21
N PHE B 96 0.73 2.96 -5.49
CA PHE B 96 0.51 3.40 -6.88
C PHE B 96 0.18 4.90 -6.93
N GLU B 97 0.62 5.48 -8.02
CA GLU B 97 0.23 6.84 -8.39
C GLU B 97 -0.10 6.84 -9.88
N ILE B 98 -1.29 7.30 -10.22
CA ILE B 98 -1.73 7.38 -11.62
C ILE B 98 -1.75 8.84 -12.05
N GLY B 99 -0.96 9.19 -13.04
CA GLY B 99 -1.00 10.54 -13.56
C GLY B 99 -2.11 10.86 -14.52
N ASP B 100 -2.24 12.15 -14.79
CA ASP B 100 -3.24 12.61 -15.76
C ASP B 100 -2.86 12.22 -17.17
N ASP B 101 -1.60 11.82 -17.38
CA ASP B 101 -1.19 11.30 -18.69
C ASP B 101 -1.42 9.80 -18.86
N GLY B 102 -2.08 9.16 -17.91
CA GLY B 102 -2.32 7.72 -17.98
C GLY B 102 -1.15 6.83 -17.62
N VAL B 103 -0.08 7.37 -17.03
CA VAL B 103 1.05 6.59 -16.59
C VAL B 103 0.91 6.33 -15.08
N MSE B 104 1.05 5.07 -14.70
CA MSE B 104 0.94 4.60 -13.30
C MSE B 104 2.30 4.15 -12.88
O MSE B 104 2.96 3.37 -13.59
CB MSE B 104 -0.10 3.47 -13.22
CG MSE B 104 -0.12 2.97 -11.79
SE MSE B 104 -1.66 1.78 -11.50
CE MSE B 104 -1.21 0.36 -12.79
N TYR B 105 2.76 4.67 -11.75
CA TYR B 105 3.99 4.25 -11.10
C TYR B 105 3.67 3.35 -9.92
N LEU B 106 4.24 2.15 -9.88
CA LEU B 106 4.03 1.15 -8.82
C LEU B 106 5.33 0.94 -8.04
N LYS B 107 5.23 0.77 -6.74
CA LYS B 107 6.34 0.28 -5.92
C LYS B 107 5.89 -0.85 -5.03
N TYR B 108 6.75 -1.85 -4.84
CA TYR B 108 6.45 -2.86 -3.83
C TYR B 108 7.77 -3.43 -3.32
N PHE B 109 7.73 -4.11 -2.18
CA PHE B 109 8.91 -4.63 -1.48
C PHE B 109 8.75 -6.11 -1.20
N ILE B 110 9.78 -6.89 -1.53
CA ILE B 110 9.79 -8.34 -1.26
C ILE B 110 11.00 -8.68 -0.42
N ALA B 111 10.81 -9.37 0.70
CA ALA B 111 11.87 -9.62 1.63
C ALA B 111 12.71 -10.87 1.32
N LYS B 112 12.06 -11.93 0.87
CA LYS B 112 12.67 -13.26 0.74
C LYS B 112 12.32 -13.90 -0.56
N ASP B 113 13.24 -14.71 -1.09
CA ASP B 113 12.89 -15.54 -2.23
C ASP B 113 12.25 -16.85 -1.70
N LEU B 114 11.86 -17.71 -2.64
CA LEU B 114 11.14 -18.93 -2.28
C LEU B 114 12.01 -19.85 -1.46
N ASN B 115 13.32 -19.79 -1.66
CA ASN B 115 14.23 -20.59 -0.86
C ASN B 115 14.60 -19.96 0.48
N GLY B 116 14.04 -18.81 0.82
CA GLY B 116 14.31 -18.12 2.11
C GLY B 116 15.56 -17.25 2.12
N ASN B 117 16.18 -17.06 0.97
CA ASN B 117 17.33 -16.17 0.91
C ASN B 117 16.79 -14.75 1.07
N GLU B 118 17.53 -13.92 1.79
CA GLU B 118 17.21 -12.52 1.93
C GLU B 118 17.37 -11.81 0.59
N LEU B 119 16.32 -11.12 0.20
CA LEU B 119 16.25 -10.36 -1.00
C LEU B 119 16.16 -8.87 -0.68
N ASN B 120 15.22 -8.54 0.21
CA ASN B 120 15.00 -7.14 0.65
C ASN B 120 15.15 -6.13 -0.48
N THR B 121 14.31 -6.34 -1.47
CA THR B 121 14.35 -5.57 -2.72
C THR B 121 13.06 -4.78 -2.93
N TRP B 122 13.24 -3.49 -3.24
CA TRP B 122 12.20 -2.65 -3.77
C TRP B 122 12.10 -2.75 -5.28
N PHE B 123 10.89 -2.94 -5.74
CA PHE B 123 10.56 -3.05 -7.13
C PHE B 123 9.84 -1.78 -7.55
N HIS B 124 10.23 -1.29 -8.71
CA HIS B 124 9.55 -0.17 -9.34
CA HIS B 124 9.62 -0.15 -9.38
C HIS B 124 9.06 -0.61 -10.71
N GLU B 125 7.80 -0.28 -11.00
CA GLU B 125 7.24 -0.51 -12.34
C GLU B 125 6.51 0.73 -12.82
N THR B 126 6.67 1.01 -14.11
CA THR B 126 5.92 2.01 -14.80
C THR B 126 4.99 1.32 -15.82
N TRP B 127 3.73 1.66 -15.72
CA TRP B 127 2.67 1.12 -16.58
C TRP B 127 1.91 2.24 -17.21
N LYS B 128 1.43 2.04 -18.44
CA LYS B 128 0.65 3.05 -19.15
C LYS B 128 -0.70 2.46 -19.53
N ARG B 129 -1.77 3.23 -19.30
CA ARG B 129 -3.11 2.77 -19.63
C ARG B 129 -3.26 2.66 -21.14
N VAL B 130 -3.76 1.52 -21.62
CA VAL B 130 -4.03 1.28 -23.02
C VAL B 130 -5.40 1.81 -23.33
N GLY B 131 -5.43 2.58 -24.40
CA GLY B 131 -6.63 3.26 -24.83
C GLY B 131 -6.92 3.03 -26.28
N MSE B 132 -8.08 3.53 -26.70
CA MSE B 132 -8.52 3.47 -28.08
C MSE B 132 -8.23 4.79 -28.76
O MSE B 132 -8.79 5.79 -28.37
CB MSE B 132 -10.02 3.23 -28.17
CG MSE B 132 -10.42 3.09 -29.62
SE MSE B 132 -12.37 2.81 -29.76
CE MSE B 132 -12.27 0.94 -29.60
N PRO B 133 -7.37 4.78 -29.79
CA PRO B 133 -7.12 6.04 -30.52
C PRO B 133 -8.28 6.39 -31.43
N ALA B 134 -8.28 7.62 -31.93
CA ALA B 134 -9.38 8.07 -32.73
C ALA B 134 -9.47 7.36 -34.09
N LYS B 135 -8.32 6.99 -34.63
CA LYS B 135 -8.22 6.34 -35.92
C LYS B 135 -7.49 4.99 -35.88
N PHE B 136 -8.04 3.97 -36.57
CA PHE B 136 -7.35 2.74 -36.84
C PHE B 136 -6.20 3.02 -37.82
N PRO B 137 -4.95 2.72 -37.43
CA PRO B 137 -3.85 3.08 -38.35
C PRO B 137 -3.89 2.29 -39.66
N GLU B 138 -3.72 2.99 -40.79
CA GLU B 138 -3.81 2.36 -42.11
C GLU B 138 -2.92 1.11 -42.28
N ASP B 139 -1.71 1.14 -41.75
CA ASP B 139 -0.76 0.05 -42.04
C ASP B 139 -0.68 -1.02 -40.94
N LEU B 140 -1.67 -1.08 -40.04
CA LEU B 140 -1.54 -1.86 -38.83
C LEU B 140 -1.40 -3.38 -39.13
N VAL B 141 -0.44 -4.02 -38.47
CA VAL B 141 -0.25 -5.45 -38.57
C VAL B 141 -1.01 -6.13 -37.43
N ARG B 142 -2.22 -6.63 -37.71
CA ARG B 142 -3.02 -7.25 -36.67
C ARG B 142 -2.50 -8.63 -36.29
N PHE C 7 4.97 -14.47 6.83
CA PHE C 7 6.24 -13.85 7.31
C PHE C 7 6.56 -14.23 8.77
N ARG C 8 7.83 -14.08 9.16
CA ARG C 8 8.26 -14.21 10.54
C ARG C 8 7.92 -12.92 11.34
N PRO C 9 7.07 -13.03 12.39
CA PRO C 9 6.62 -11.79 13.05
C PRO C 9 7.76 -11.03 13.69
N ALA C 10 7.77 -9.71 13.53
CA ALA C 10 8.77 -8.89 14.17
C ALA C 10 8.16 -8.24 15.41
N GLU C 11 9.05 -7.85 16.30
CA GLU C 11 8.63 -7.18 17.51
C GLU C 11 8.44 -5.69 17.25
N LEU C 12 7.44 -5.34 16.42
CA LEU C 12 7.17 -3.94 16.10
C LEU C 12 6.41 -3.21 17.21
N ALA C 13 5.46 -3.89 17.84
CA ALA C 13 4.64 -3.25 18.85
C ALA C 13 5.54 -2.71 19.94
N GLY C 14 5.25 -1.49 20.36
CA GLY C 14 6.00 -0.85 21.43
C GLY C 14 6.05 0.65 21.28
N ILE C 15 6.94 1.24 22.06
CA ILE C 15 7.25 2.66 22.11
CA ILE C 15 7.18 2.67 21.95
C ILE C 15 8.60 2.84 21.47
N TRP C 16 8.71 3.67 20.44
CA TRP C 16 9.96 3.90 19.68
C TRP C 16 10.35 5.35 19.81
N GLN C 17 11.64 5.59 20.09
CA GLN C 17 12.17 6.96 20.17
C GLN C 17 12.98 7.32 18.93
N LEU C 18 12.62 8.43 18.28
CA LEU C 18 13.35 8.89 17.11
C LEU C 18 14.74 9.31 17.53
N CYS C 19 15.73 8.93 16.73
CA CYS C 19 17.11 9.36 16.92
C CYS C 19 17.52 10.26 15.78
N HIS C 20 18.55 11.08 16.01
CA HIS C 20 19.11 11.88 14.96
C HIS C 20 20.61 11.94 15.13
N TYR C 21 21.26 12.60 14.19
CA TYR C 21 22.68 12.65 14.10
C TYR C 21 23.13 14.09 14.33
N VAL C 22 24.08 14.26 15.24
CA VAL C 22 24.54 15.53 15.73
CA VAL C 22 24.54 15.57 15.65
C VAL C 22 26.05 15.67 15.54
N SER C 23 26.50 16.79 15.01
CA SER C 23 27.90 17.04 14.82
C SER C 23 28.23 18.51 15.06
N GLU C 24 29.42 18.83 15.57
CA GLU C 24 29.82 20.26 15.64
C GLU C 24 30.23 20.83 14.27
N ILE C 25 30.41 19.93 13.29
CA ILE C 25 30.93 20.35 12.00
C ILE C 25 29.96 19.82 10.92
N PRO C 26 29.87 20.51 9.79
CA PRO C 26 28.84 20.11 8.80
C PRO C 26 29.26 18.91 7.96
N ASP C 27 30.55 18.66 7.84
CA ASP C 27 31.01 17.71 6.81
C ASP C 27 31.31 16.34 7.44
N VAL C 28 30.30 15.76 8.06
CA VAL C 28 30.44 14.47 8.69
C VAL C 28 29.10 13.99 9.11
N PRO C 29 28.89 12.67 9.05
CA PRO C 29 27.77 12.15 9.80
C PRO C 29 27.99 12.47 11.28
N GLY C 30 27.00 13.05 11.90
CA GLY C 30 27.05 13.17 13.31
C GLY C 30 26.99 11.82 14.04
N ILE C 31 27.04 11.93 15.36
CA ILE C 31 26.83 10.85 16.27
C ILE C 31 25.34 10.67 16.51
N LEU C 32 24.91 9.41 16.58
CA LEU C 32 23.54 9.05 16.84
C LEU C 32 23.13 9.36 18.28
N LYS C 33 22.07 10.14 18.42
CA LYS C 33 21.55 10.56 19.73
C LYS C 33 20.04 10.48 19.74
N PRO C 34 19.45 10.14 20.90
CA PRO C 34 18.00 10.04 20.97
C PRO C 34 17.39 11.44 20.94
N SER C 35 16.23 11.62 20.32
CA SER C 35 15.64 12.94 20.23
CA SER C 35 15.62 12.93 20.18
C SER C 35 14.24 12.97 20.86
N ASN C 36 13.37 13.85 20.39
CA ASN C 36 12.18 14.23 21.14
C ASN C 36 10.88 13.74 20.56
N THR C 37 10.93 12.74 19.68
CA THR C 37 9.76 12.25 19.00
C THR C 37 9.61 10.79 19.28
N PHE C 38 8.35 10.36 19.38
CA PHE C 38 8.01 8.99 19.71
C PHE C 38 6.96 8.47 18.76
N LYS C 39 7.08 7.17 18.47
CA LYS C 39 6.11 6.43 17.70
C LYS C 39 5.59 5.30 18.55
N VAL C 40 4.26 5.32 18.74
CA VAL C 40 3.58 4.29 19.49
C VAL C 40 2.94 3.34 18.49
N LEU C 41 3.41 2.08 18.49
CA LEU C 41 2.86 1.01 17.68
C LEU C 41 2.12 0.09 18.62
N SER C 42 0.80 0.23 18.65
CA SER C 42 -0.01 -0.48 19.62
C SER C 42 -0.17 -1.96 19.29
N ASP C 43 -0.60 -2.73 20.28
CA ASP C 43 -0.85 -4.13 20.09
C ASP C 43 -2.04 -4.42 19.18
N ASP C 44 -2.95 -3.46 19.02
CA ASP C 44 -4.14 -3.63 18.21
C ASP C 44 -3.99 -2.89 16.85
N GLY C 45 -2.77 -2.59 16.43
CA GLY C 45 -2.56 -2.15 15.06
C GLY C 45 -2.76 -0.66 14.79
N ARG C 46 -2.67 0.19 15.83
CA ARG C 46 -2.73 1.61 15.70
C ARG C 46 -1.33 2.21 15.75
N ILE C 47 -1.10 3.27 14.99
CA ILE C 47 0.13 4.02 15.07
C ILE C 47 -0.18 5.48 15.40
N VAL C 48 0.62 6.05 16.29
CA VAL C 48 0.61 7.47 16.61
CA VAL C 48 0.60 7.50 16.51
C VAL C 48 2.03 7.96 16.69
N ASN C 49 2.34 9.08 16.05
CA ASN C 49 3.61 9.79 16.22
C ASN C 49 3.34 11.06 17.01
N PHE C 50 4.26 11.41 17.91
CA PHE C 50 4.15 12.71 18.59
C PHE C 50 5.52 13.23 18.93
N THR C 51 5.59 14.55 19.01
CA THR C 51 6.83 15.25 19.26
C THR C 51 6.71 16.19 20.43
N MSE C 52 7.68 16.06 21.33
CA MSE C 52 7.90 16.99 22.45
CA MSE C 52 7.75 16.98 22.49
C MSE C 52 8.35 18.29 21.98
O MSE C 52 9.21 18.34 21.09
CB MSE C 52 9.06 16.46 23.25
CB MSE C 52 8.52 16.23 23.64
CG MSE C 52 9.07 16.79 24.73
CG MSE C 52 8.37 16.82 25.04
SE MSE C 52 9.69 15.04 25.33
SE MSE C 52 9.75 18.18 25.38
CE MSE C 52 8.41 14.23 24.08
CE MSE C 52 8.90 18.80 27.06
N ILE C 53 7.80 19.38 22.52
CA ILE C 53 8.23 20.72 22.19
C ILE C 53 8.69 21.35 23.49
N PRO C 54 10.00 21.48 23.70
CA PRO C 54 10.47 21.94 25.03
C PRO C 54 9.77 23.22 25.49
N GLY C 55 9.35 23.27 26.75
CA GLY C 55 8.62 24.43 27.28
C GLY C 55 7.16 24.55 26.86
N LYS C 56 6.70 23.66 25.97
CA LYS C 56 5.35 23.75 25.44
C LYS C 56 4.70 22.39 25.44
N ASP C 57 3.44 22.34 25.06
CA ASP C 57 2.75 21.06 24.96
C ASP C 57 3.35 20.24 23.83
N ALA C 58 3.53 18.95 24.08
CA ALA C 58 3.83 18.02 23.01
C ALA C 58 2.68 18.01 21.99
N ILE C 59 2.97 17.54 20.78
CA ILE C 59 1.94 17.49 19.73
C ILE C 59 1.88 16.16 19.03
N ILE C 60 0.69 15.67 18.77
CA ILE C 60 0.48 14.58 17.85
CA ILE C 60 0.54 14.54 17.87
C ILE C 60 0.81 15.05 16.45
N THR C 61 1.64 14.32 15.73
CA THR C 61 1.99 14.71 14.35
C THR C 61 1.45 13.75 13.28
N GLY C 62 0.99 12.59 13.67
CA GLY C 62 0.41 11.67 12.70
C GLY C 62 -0.21 10.48 13.38
N TYR C 63 -1.20 9.88 12.72
CA TYR C 63 -1.81 8.66 13.23
C TYR C 63 -2.51 7.88 12.11
N GLY C 64 -2.72 6.60 12.40
CA GLY C 64 -3.46 5.70 11.53
C GLY C 64 -3.33 4.32 12.05
N THR C 65 -3.29 3.36 11.13
CA THR C 65 -3.16 1.98 11.45
C THR C 65 -1.88 1.45 10.82
N TYR C 66 -1.43 0.29 11.29
CA TYR C 66 -0.22 -0.32 10.69
C TYR C 66 -0.35 -1.83 10.68
N GLN C 67 0.42 -2.46 9.80
CA GLN C 67 0.50 -3.93 9.78
CA GLN C 67 0.43 -3.88 9.63
C GLN C 67 1.76 -4.37 9.10
N GLN C 68 2.34 -5.42 9.66
CA GLN C 68 3.51 -6.03 9.07
C GLN C 68 3.11 -6.72 7.76
N LEU C 69 3.98 -6.59 6.75
CA LEU C 69 3.75 -7.17 5.41
C LEU C 69 4.66 -8.32 5.03
N THR C 70 5.94 -8.22 5.41
CA THR C 70 6.97 -9.20 5.10
C THR C 70 7.91 -9.28 6.27
N ASP C 71 8.90 -10.16 6.17
CA ASP C 71 9.93 -10.22 7.23
C ASP C 71 10.58 -8.86 7.48
N ASN C 72 10.66 -7.99 6.48
CA ASN C 72 11.39 -6.71 6.63
C ASN C 72 10.62 -5.51 6.10
N SER C 73 9.28 -5.58 6.09
CA SER C 73 8.49 -4.38 5.79
C SER C 73 7.19 -4.38 6.56
N TYR C 74 6.71 -3.17 6.80
CA TYR C 74 5.37 -2.98 7.37
C TYR C 74 4.80 -1.76 6.69
N LYS C 75 3.49 -1.61 6.79
CA LYS C 75 2.91 -0.37 6.27
C LYS C 75 2.13 0.38 7.35
N GLU C 76 2.15 1.69 7.19
CA GLU C 76 1.28 2.60 7.95
C GLU C 76 0.26 3.18 7.00
N SER C 77 -0.99 2.91 7.34
CA SER C 77 -2.13 3.51 6.67
CA SER C 77 -2.10 3.50 6.65
C SER C 77 -2.49 4.78 7.39
N ILE C 78 -2.02 5.90 6.87
CA ILE C 78 -2.11 7.18 7.55
C ILE C 78 -3.45 7.88 7.36
N GLU C 79 -4.07 8.27 8.48
CA GLU C 79 -5.33 8.98 8.42
CA GLU C 79 -5.33 8.98 8.42
CA GLU C 79 -5.32 8.98 8.45
C GLU C 79 -5.00 10.45 8.27
N LYS C 80 -4.21 10.98 9.20
CA LYS C 80 -3.76 12.34 9.09
C LYS C 80 -2.34 12.46 9.60
N ASN C 81 -1.58 13.34 8.97
CA ASN C 81 -0.16 13.55 9.25
C ASN C 81 0.23 14.99 8.94
N ILE C 82 0.52 15.77 9.99
CA ILE C 82 0.86 17.17 9.74
C ILE C 82 2.37 17.34 9.44
N HIS C 83 3.16 16.33 9.79
CA HIS C 83 4.58 16.33 9.44
C HIS C 83 4.76 16.01 7.94
N LEU C 84 4.00 15.03 7.47
CA LEU C 84 3.95 14.56 6.07
C LEU C 84 2.52 14.57 5.53
N PRO C 85 1.97 15.75 5.24
CA PRO C 85 0.56 15.88 4.86
C PRO C 85 0.22 15.20 3.54
N MSE C 86 1.23 14.99 2.70
CA MSE C 86 0.99 14.27 1.45
C MSE C 86 0.61 12.80 1.74
O MSE C 86 0.10 12.14 0.83
CB MSE C 86 2.23 14.43 0.60
CG MSE C 86 3.41 13.57 0.93
SE MSE C 86 4.45 14.46 2.37
CE MSE C 86 4.83 16.16 1.53
N LEU C 87 0.79 12.31 2.98
CA LEU C 87 0.39 10.92 3.29
C LEU C 87 -1.03 10.80 3.83
N ASP C 88 -1.76 11.91 3.93
CA ASP C 88 -3.15 11.82 4.40
C ASP C 88 -3.96 10.87 3.53
N HIS C 89 -4.62 9.92 4.18
CA HIS C 89 -5.45 8.89 3.57
C HIS C 89 -4.67 8.05 2.58
N LYS C 90 -3.36 7.93 2.80
CA LYS C 90 -2.55 7.05 1.98
C LYS C 90 -1.78 6.02 2.82
N ASP C 91 -1.31 4.99 2.14
CA ASP C 91 -0.40 4.02 2.68
C ASP C 91 1.03 4.44 2.46
N ASN C 92 1.84 4.05 3.41
CA ASN C 92 3.25 4.23 3.36
C ASN C 92 3.93 2.89 3.67
N ILE C 93 4.56 2.26 2.70
CA ILE C 93 5.32 1.02 2.94
C ILE C 93 6.68 1.41 3.49
N LEU C 94 7.04 0.82 4.60
CA LEU C 94 8.33 1.04 5.25
C LEU C 94 9.14 -0.26 5.32
N GLU C 95 10.34 -0.22 4.75
CA GLU C 95 11.30 -1.27 4.94
C GLU C 95 11.89 -1.03 6.32
N PHE C 96 12.03 -2.08 7.12
CA PHE C 96 12.66 -1.97 8.45
C PHE C 96 13.74 -3.00 8.66
N GLU C 97 14.68 -2.68 9.55
CA GLU C 97 15.69 -3.58 10.04
C GLU C 97 15.84 -3.28 11.53
N ILE C 98 15.63 -4.26 12.41
CA ILE C 98 15.77 -4.06 13.87
C ILE C 98 17.00 -4.78 14.37
N GLY C 99 17.93 -4.03 14.94
CA GLY C 99 19.17 -4.61 15.48
C GLY C 99 18.99 -5.22 16.87
N ASP C 100 20.00 -5.98 17.30
CA ASP C 100 19.99 -6.59 18.64
C ASP C 100 20.03 -5.53 19.73
N ASP C 101 20.48 -4.32 19.39
CA ASP C 101 20.55 -3.19 20.34
C ASP C 101 19.27 -2.36 20.42
N GLY C 102 18.22 -2.81 19.73
CA GLY C 102 16.94 -2.11 19.72
C GLY C 102 16.81 -0.95 18.76
N VAL C 103 17.85 -0.69 17.95
CA VAL C 103 17.75 0.35 16.94
C VAL C 103 17.12 -0.22 15.66
N MSE C 104 16.11 0.52 15.19
CA MSE C 104 15.33 0.17 14.01
C MSE C 104 15.59 1.22 12.95
O MSE C 104 15.38 2.45 13.13
CB MSE C 104 13.82 0.09 14.32
CG MSE C 104 13.04 -0.22 13.02
SE MSE C 104 11.20 -0.74 13.48
CE MSE C 104 10.57 0.93 14.21
N TYR C 105 16.02 0.77 11.77
CA TYR C 105 16.17 1.62 10.62
C TYR C 105 15.01 1.45 9.67
N LEU C 106 14.43 2.57 9.26
CA LEU C 106 13.27 2.63 8.36
C LEU C 106 13.61 3.35 7.08
N LYS C 107 13.06 2.83 5.98
CA LYS C 107 13.20 3.44 4.65
C LYS C 107 11.83 3.47 4.02
N TYR C 108 11.47 4.62 3.45
CA TYR C 108 10.16 4.74 2.78
C TYR C 108 10.23 5.74 1.63
N PHE C 109 9.25 5.66 0.74
CA PHE C 109 9.15 6.50 -0.45
C PHE C 109 8.04 7.50 -0.30
N ILE C 110 8.25 8.72 -0.78
CA ILE C 110 7.18 9.72 -0.88
C ILE C 110 7.09 10.21 -2.31
N ALA C 111 5.92 10.03 -2.95
CA ALA C 111 5.75 10.35 -4.34
C ALA C 111 5.56 11.87 -4.64
N LYS C 112 4.77 12.54 -3.81
CA LYS C 112 4.31 13.90 -4.05
C LYS C 112 4.73 14.86 -2.98
N ASP C 113 4.88 16.13 -3.34
CA ASP C 113 5.22 17.13 -2.34
C ASP C 113 3.90 17.69 -1.81
N LEU C 114 4.04 18.63 -0.88
CA LEU C 114 2.92 19.37 -0.23
C LEU C 114 1.86 19.91 -1.20
N ASN C 115 2.28 20.34 -2.38
CA ASN C 115 1.38 20.94 -3.38
C ASN C 115 0.85 19.95 -4.40
N GLY C 116 1.21 18.67 -4.27
CA GLY C 116 0.76 17.66 -5.22
C GLY C 116 1.65 17.47 -6.44
N ASN C 117 2.78 18.15 -6.48
CA ASN C 117 3.77 17.98 -7.56
C ASN C 117 4.64 16.76 -7.31
N GLU C 118 5.36 16.31 -8.35
CA GLU C 118 6.29 15.19 -8.23
C GLU C 118 7.40 15.48 -7.22
N LEU C 119 7.55 14.62 -6.22
CA LEU C 119 8.67 14.67 -5.29
C LEU C 119 9.59 13.45 -5.52
N ASN C 120 8.97 12.26 -5.55
CA ASN C 120 9.68 10.99 -5.78
C ASN C 120 11.02 10.87 -5.04
N THR C 121 10.95 10.96 -3.72
CA THR C 121 12.10 10.91 -2.86
C THR C 121 12.02 9.79 -1.81
N TRP C 122 13.17 9.15 -1.54
CA TRP C 122 13.31 8.17 -0.47
C TRP C 122 13.75 8.84 0.80
N PHE C 123 13.11 8.47 1.91
CA PHE C 123 13.34 8.98 3.25
CA PHE C 123 13.49 9.02 3.19
C PHE C 123 13.89 7.88 4.14
N HIS C 124 14.69 8.22 5.14
CA HIS C 124 15.19 7.27 6.11
C HIS C 124 15.01 7.85 7.50
N GLU C 125 14.77 6.98 8.46
CA GLU C 125 14.68 7.35 9.86
C GLU C 125 15.38 6.29 10.69
N THR C 126 15.84 6.69 11.87
CA THR C 126 16.40 5.82 12.82
C THR C 126 15.64 5.94 14.14
N TRP C 127 15.16 4.80 14.68
CA TRP C 127 14.39 4.75 15.93
C TRP C 127 15.04 3.82 16.89
N LYS C 128 14.71 3.94 18.17
CA LYS C 128 15.22 3.02 19.16
C LYS C 128 14.08 2.60 20.10
N ARG C 129 13.99 1.30 20.35
CA ARG C 129 12.94 0.79 21.24
C ARG C 129 13.13 1.30 22.66
N VAL C 130 12.08 1.91 23.19
CA VAL C 130 12.09 2.34 24.61
C VAL C 130 11.83 1.14 25.51
N GLY C 131 12.69 0.97 26.53
CA GLY C 131 12.61 -0.14 27.45
C GLY C 131 12.59 0.31 28.91
N MSE C 132 12.47 -0.66 29.80
CA MSE C 132 12.39 -0.41 31.25
C MSE C 132 13.70 -0.78 31.85
O MSE C 132 14.05 -1.97 31.86
CB MSE C 132 11.25 -1.21 31.89
CG MSE C 132 11.12 -0.83 33.34
SE MSE C 132 9.79 -1.94 34.28
CE MSE C 132 8.36 -0.68 33.95
N PRO C 133 14.41 0.18 32.45
CA PRO C 133 15.64 -0.16 33.15
C PRO C 133 15.37 -0.82 34.51
N ALA C 134 16.43 -1.32 35.15
CA ALA C 134 16.27 -2.03 36.42
C ALA C 134 15.79 -1.10 37.54
N LYS C 135 16.21 0.16 37.52
CA LYS C 135 15.89 1.12 38.56
C LYS C 135 15.45 2.46 37.97
N PHE C 136 14.57 3.17 38.69
CA PHE C 136 14.19 4.53 38.37
C PHE C 136 15.33 5.43 38.83
N PRO C 137 15.98 6.21 37.94
CA PRO C 137 17.14 7.02 38.38
C PRO C 137 16.78 7.97 39.51
N GLU C 138 17.67 8.12 40.47
CA GLU C 138 17.29 8.71 41.78
C GLU C 138 16.95 10.22 41.80
N ASP C 139 17.54 11.00 40.92
CA ASP C 139 17.34 12.45 41.03
C ASP C 139 16.59 12.97 39.80
N LEU C 140 15.83 12.08 39.17
CA LEU C 140 15.14 12.40 37.93
C LEU C 140 13.89 13.23 38.22
N VAL C 141 13.73 14.29 37.45
CA VAL C 141 12.49 15.07 37.40
C VAL C 141 11.64 14.57 36.25
N ARG C 142 10.41 14.23 36.60
CA ARG C 142 9.47 13.70 35.65
C ARG C 142 8.85 14.73 34.72
N ALA D 10 -14.55 13.82 28.17
CA ALA D 10 -13.91 12.94 29.18
C ALA D 10 -13.62 11.52 28.61
N GLU D 11 -13.04 11.48 27.41
CA GLU D 11 -12.48 10.26 26.86
C GLU D 11 -11.12 10.00 27.47
N LEU D 12 -10.91 8.83 28.06
CA LEU D 12 -9.61 8.51 28.68
C LEU D 12 -8.52 8.11 27.69
N ALA D 13 -8.87 7.29 26.72
CA ALA D 13 -7.90 6.79 25.78
C ALA D 13 -7.18 7.94 25.06
N GLY D 14 -5.88 7.78 24.95
CA GLY D 14 -5.07 8.80 24.31
C GLY D 14 -3.70 8.84 24.90
N ILE D 15 -3.00 9.89 24.55
CA ILE D 15 -1.69 10.15 25.12
CA ILE D 15 -1.65 10.22 24.98
C ILE D 15 -1.75 11.40 25.94
N TRP D 16 -1.24 11.25 27.17
CA TRP D 16 -1.31 12.25 28.23
C TRP D 16 0.10 12.68 28.61
N GLN D 17 0.30 13.99 28.76
CA GLN D 17 1.59 14.55 29.18
C GLN D 17 1.55 15.04 30.63
N LEU D 18 2.47 14.54 31.44
CA LEU D 18 2.56 15.00 32.83
C LEU D 18 2.91 16.46 32.86
N CYS D 19 2.28 17.19 33.76
CA CYS D 19 2.60 18.58 34.01
C CYS D 19 3.13 18.74 35.42
N HIS D 20 3.88 19.80 35.62
CA HIS D 20 4.34 20.08 36.95
C HIS D 20 4.29 21.60 37.19
N TYR D 21 4.61 21.96 38.42
CA TYR D 21 4.47 23.32 38.88
C TYR D 21 5.83 23.90 39.18
N VAL D 22 6.11 25.07 38.63
CA VAL D 22 7.43 25.70 38.64
CA VAL D 22 7.44 25.66 38.76
C VAL D 22 7.38 27.11 39.23
N SER D 23 8.30 27.45 40.13
CA SER D 23 8.37 28.76 40.70
CA SER D 23 8.39 28.80 40.63
C SER D 23 9.82 29.14 40.98
N GLU D 24 10.12 30.41 40.94
CA GLU D 24 11.46 30.90 41.31
C GLU D 24 11.62 31.02 42.79
N ILE D 25 10.49 30.99 43.50
CA ILE D 25 10.43 31.20 44.95
C ILE D 25 9.78 29.98 45.58
N PRO D 26 10.36 29.45 46.66
CA PRO D 26 9.78 28.19 47.21
C PRO D 26 8.38 28.35 47.86
N ASP D 27 8.07 29.53 48.37
CA ASP D 27 6.76 29.74 49.01
C ASP D 27 5.63 29.47 48.03
N VAL D 28 5.47 30.40 47.07
CA VAL D 28 4.30 30.40 46.19
C VAL D 28 4.06 29.04 45.51
N PRO D 29 2.79 28.73 45.20
CA PRO D 29 2.55 27.67 44.22
C PRO D 29 3.09 28.08 42.83
N GLY D 30 3.65 27.12 42.14
CA GLY D 30 4.23 27.38 40.84
C GLY D 30 3.17 27.48 39.76
N ILE D 31 3.64 27.84 38.58
CA ILE D 31 2.89 27.89 37.37
C ILE D 31 2.91 26.51 36.69
N LEU D 32 1.76 26.07 36.18
CA LEU D 32 1.66 24.77 35.50
C LEU D 32 2.37 24.75 34.19
N LYS D 33 3.29 23.81 34.02
CA LYS D 33 4.02 23.65 32.77
C LYS D 33 4.09 22.19 32.38
N PRO D 34 4.09 21.89 31.09
CA PRO D 34 4.19 20.51 30.63
C PRO D 34 5.58 19.99 30.86
N SER D 35 5.69 18.70 31.20
CA SER D 35 6.97 18.15 31.56
C SER D 35 7.32 16.99 30.62
N ASN D 36 8.10 16.02 31.10
CA ASN D 36 8.81 15.06 30.24
C ASN D 36 8.33 13.62 30.31
N THR D 37 7.17 13.42 30.91
CA THR D 37 6.57 12.11 31.11
C THR D 37 5.24 12.00 30.37
N PHE D 38 4.98 10.81 29.84
CA PHE D 38 3.79 10.48 29.08
C PHE D 38 3.16 9.21 29.58
N LYS D 39 1.84 9.21 29.52
CA LYS D 39 1.01 8.04 29.77
C LYS D 39 0.22 7.75 28.53
N VAL D 40 0.42 6.54 28.00
CA VAL D 40 -0.33 6.04 26.88
C VAL D 40 -1.45 5.16 27.37
N LEU D 41 -2.72 5.56 27.18
CA LEU D 41 -3.88 4.77 27.48
C LEU D 41 -4.44 4.30 26.15
N SER D 42 -4.13 3.06 25.81
CA SER D 42 -4.42 2.54 24.47
C SER D 42 -5.87 2.20 24.31
N ASP D 43 -6.32 2.06 23.07
CA ASP D 43 -7.69 1.68 22.80
C ASP D 43 -7.96 0.23 23.22
N ASP D 44 -6.93 -0.60 23.34
CA ASP D 44 -7.12 -2.00 23.70
C ASP D 44 -6.75 -2.27 25.18
N GLY D 45 -6.81 -1.25 26.04
CA GLY D 45 -6.78 -1.48 27.48
C GLY D 45 -5.41 -1.61 28.10
N ARG D 46 -4.38 -1.15 27.40
CA ARG D 46 -3.01 -1.16 27.90
CA ARG D 46 -3.04 -1.17 27.97
C ARG D 46 -2.64 0.23 28.41
N ILE D 47 -1.88 0.28 29.49
CA ILE D 47 -1.29 1.50 30.00
C ILE D 47 0.21 1.37 30.05
N VAL D 48 0.91 2.41 29.58
CA VAL D 48 2.34 2.51 29.78
CA VAL D 48 2.34 2.53 29.70
C VAL D 48 2.72 3.94 30.10
N ASN D 49 3.59 4.09 31.08
CA ASN D 49 4.13 5.37 31.49
C ASN D 49 5.57 5.38 31.04
N PHE D 50 6.03 6.48 30.47
CA PHE D 50 7.46 6.60 30.16
C PHE D 50 7.92 8.05 30.31
N THR D 51 9.20 8.19 30.62
CA THR D 51 9.82 9.48 30.94
C THR D 51 11.01 9.73 30.05
N MSE D 52 11.07 10.92 29.45
CA MSE D 52 12.21 11.35 28.64
CA MSE D 52 12.24 11.32 28.67
C MSE D 52 13.31 11.73 29.61
O MSE D 52 13.05 12.29 30.68
CB MSE D 52 11.75 12.51 27.75
CB MSE D 52 12.01 12.53 27.81
CG MSE D 52 12.59 12.79 26.50
CG MSE D 52 10.85 12.35 26.89
SE MSE D 52 14.01 14.11 26.86
SE MSE D 52 10.57 13.98 25.82
CE MSE D 52 12.95 15.76 26.86
CE MSE D 52 12.28 13.99 24.89
N ILE D 53 14.55 11.43 29.24
CA ILE D 53 15.73 11.76 29.99
C ILE D 53 16.60 12.53 29.02
N PRO D 54 16.67 13.86 29.18
CA PRO D 54 17.44 14.67 28.22
C PRO D 54 18.87 14.15 28.02
N GLY D 55 19.25 13.99 26.78
CA GLY D 55 20.58 13.52 26.43
C GLY D 55 20.68 12.02 26.36
N LYS D 56 19.64 11.31 26.80
CA LYS D 56 19.74 9.89 26.98
C LYS D 56 18.49 9.23 26.44
N ASP D 57 18.48 7.91 26.46
CA ASP D 57 17.26 7.21 26.09
C ASP D 57 16.12 7.46 27.06
N ALA D 58 14.90 7.61 26.56
CA ALA D 58 13.74 7.61 27.40
C ALA D 58 13.55 6.24 28.04
N ILE D 59 12.83 6.20 29.15
CA ILE D 59 12.63 4.95 29.86
C ILE D 59 11.18 4.67 30.13
N ILE D 60 10.78 3.41 29.97
CA ILE D 60 9.51 2.97 30.45
C ILE D 60 9.53 2.94 31.96
N THR D 61 8.54 3.49 32.62
CA THR D 61 8.54 3.47 34.11
C THR D 61 7.45 2.62 34.72
N GLY D 62 6.48 2.25 33.91
CA GLY D 62 5.37 1.44 34.41
C GLY D 62 4.53 0.93 33.27
N TYR D 63 3.96 -0.25 33.47
CA TYR D 63 3.00 -0.76 32.47
C TYR D 63 2.06 -1.78 33.08
N GLY D 64 0.96 -1.96 32.35
CA GLY D 64 -0.07 -2.93 32.69
C GLY D 64 -1.31 -2.73 31.84
N THR D 65 -2.48 -3.02 32.40
CA THR D 65 -3.75 -2.84 31.76
C THR D 65 -4.59 -1.84 32.56
N TYR D 66 -5.61 -1.31 31.90
CA TYR D 66 -6.53 -0.41 32.58
C TYR D 66 -7.95 -0.61 32.13
N GLN D 67 -8.86 -0.17 32.99
CA GLN D 67 -10.27 -0.25 32.75
CA GLN D 67 -10.28 -0.21 32.71
C GLN D 67 -10.99 0.92 33.42
N GLN D 68 -11.78 1.67 32.65
CA GLN D 68 -12.60 2.72 33.25
C GLN D 68 -13.71 2.08 34.06
N LEU D 69 -13.95 2.63 35.27
CA LEU D 69 -14.97 2.11 36.19
C LEU D 69 -16.24 2.96 36.25
N THR D 70 -16.07 4.27 36.30
CA THR D 70 -17.15 5.22 36.42
C THR D 70 -16.79 6.45 35.63
N ASP D 71 -17.68 7.43 35.62
CA ASP D 71 -17.43 8.69 34.93
C ASP D 71 -16.18 9.43 35.43
N ASN D 72 -15.74 9.14 36.65
CA ASN D 72 -14.56 9.82 37.20
C ASN D 72 -13.53 8.87 37.85
N SER D 73 -13.53 7.60 37.47
CA SER D 73 -12.49 6.73 37.99
C SER D 73 -12.17 5.67 37.01
N TYR D 74 -10.93 5.22 37.12
CA TYR D 74 -10.45 4.05 36.38
C TYR D 74 -9.40 3.29 37.17
N LYS D 75 -9.25 2.00 36.82
CA LYS D 75 -8.32 1.08 37.44
C LYS D 75 -7.12 0.84 36.55
N GLU D 76 -5.90 0.96 37.09
CA GLU D 76 -4.68 0.44 36.48
C GLU D 76 -4.27 -0.84 37.21
N SER D 77 -4.16 -1.95 36.48
CA SER D 77 -3.63 -3.20 36.97
C SER D 77 -2.20 -3.22 36.50
N ILE D 78 -1.33 -2.79 37.39
CA ILE D 78 0.04 -2.60 37.07
C ILE D 78 0.78 -3.93 37.11
N GLU D 79 1.54 -4.22 36.07
CA GLU D 79 2.41 -5.39 36.06
CA GLU D 79 2.42 -5.39 36.06
C GLU D 79 3.74 -5.06 36.73
N LYS D 80 4.47 -4.10 36.18
CA LYS D 80 5.70 -3.64 36.81
C LYS D 80 5.76 -2.10 36.77
N ASN D 81 6.33 -1.49 37.81
CA ASN D 81 6.45 -0.08 37.93
C ASN D 81 7.72 0.24 38.69
N ILE D 82 8.70 0.86 38.03
CA ILE D 82 9.96 1.19 38.73
C ILE D 82 9.89 2.54 39.43
N HIS D 83 8.94 3.39 39.04
CA HIS D 83 8.69 4.65 39.75
C HIS D 83 8.07 4.39 41.11
N LEU D 84 7.12 3.47 41.16
CA LEU D 84 6.41 3.09 42.39
C LEU D 84 6.40 1.57 42.46
N PRO D 85 7.52 1.00 42.91
CA PRO D 85 7.61 -0.50 42.92
C PRO D 85 6.58 -1.22 43.82
N MSE D 86 6.01 -0.55 44.82
CA MSE D 86 4.98 -1.25 45.63
C MSE D 86 3.71 -1.51 44.82
O MSE D 86 2.88 -2.29 45.24
CB MSE D 86 4.71 -0.43 46.89
CG MSE D 86 3.74 0.71 46.68
SE MSE D 86 4.68 2.20 45.85
CE MSE D 86 6.20 2.51 47.07
N LEU D 87 3.56 -0.92 43.62
CA LEU D 87 2.38 -1.24 42.80
C LEU D 87 2.57 -2.44 41.88
N ASP D 88 3.74 -3.09 41.94
CA ASP D 88 3.97 -4.30 41.16
C ASP D 88 2.88 -5.36 41.43
N HIS D 89 2.24 -5.82 40.36
CA HIS D 89 1.17 -6.83 40.44
C HIS D 89 0.03 -6.42 41.35
N LYS D 90 -0.28 -5.13 41.40
CA LYS D 90 -1.39 -4.62 42.17
C LYS D 90 -2.30 -3.73 41.31
N ASP D 91 -3.54 -3.59 41.77
CA ASP D 91 -4.49 -2.67 41.21
C ASP D 91 -4.38 -1.34 41.93
N ASN D 92 -4.56 -0.28 41.16
CA ASN D 92 -4.54 1.06 41.65
C ASN D 92 -5.78 1.74 41.11
N ILE D 93 -6.60 2.33 41.96
CA ILE D 93 -7.83 2.97 41.56
C ILE D 93 -7.66 4.51 41.52
N LEU D 94 -7.71 5.09 40.32
CA LEU D 94 -7.44 6.50 40.13
C LEU D 94 -8.73 7.27 39.94
N GLU D 95 -8.90 8.37 40.69
CA GLU D 95 -10.00 9.26 40.46
C GLU D 95 -9.52 10.43 39.61
N PHE D 96 -10.31 10.79 38.61
CA PHE D 96 -9.90 11.90 37.74
C PHE D 96 -11.01 12.90 37.44
N GLU D 97 -10.59 14.12 37.14
CA GLU D 97 -11.47 15.09 36.47
C GLU D 97 -10.74 15.70 35.28
N ILE D 98 -11.39 15.69 34.12
CA ILE D 98 -10.85 16.25 32.87
C ILE D 98 -11.59 17.52 32.51
N GLY D 99 -10.89 18.66 32.46
CA GLY D 99 -11.50 19.94 32.11
C GLY D 99 -11.60 20.14 30.61
N ASP D 100 -12.31 21.21 30.23
CA ASP D 100 -12.49 21.61 28.81
C ASP D 100 -11.16 21.81 28.09
N ASP D 101 -10.18 22.29 28.83
CA ASP D 101 -8.85 22.58 28.34
C ASP D 101 -7.96 21.35 28.15
N GLY D 102 -8.45 20.15 28.48
CA GLY D 102 -7.68 18.94 28.31
C GLY D 102 -6.80 18.57 29.50
N VAL D 103 -6.89 19.35 30.59
CA VAL D 103 -6.12 19.07 31.81
C VAL D 103 -6.90 18.10 32.69
N MSE D 104 -6.21 17.03 33.08
CA MSE D 104 -6.76 15.98 33.91
C MSE D 104 -6.05 16.03 35.25
O MSE D 104 -4.82 15.94 35.33
CB MSE D 104 -6.59 14.60 33.25
CG MSE D 104 -7.03 13.47 34.19
SE MSE D 104 -7.17 11.72 33.27
CE MSE D 104 -5.27 11.34 32.96
N TYR D 105 -6.83 16.15 36.34
CA TYR D 105 -6.31 16.01 37.66
C TYR D 105 -6.64 14.61 38.12
N LEU D 106 -5.62 13.90 38.59
CA LEU D 106 -5.61 12.48 38.94
CA LEU D 106 -5.74 12.52 38.95
C LEU D 106 -5.23 12.31 40.39
N LYS D 107 -5.86 11.41 41.13
CA LYS D 107 -5.36 11.04 42.46
C LYS D 107 -5.55 9.56 42.71
N TYR D 108 -4.72 9.04 43.59
CA TYR D 108 -4.74 7.64 43.96
C TYR D 108 -4.06 7.47 45.29
N PHE D 109 -4.45 6.40 45.99
CA PHE D 109 -4.01 6.12 47.34
C PHE D 109 -3.13 4.91 47.29
N ILE D 110 -2.07 4.90 48.09
CA ILE D 110 -1.29 3.69 48.29
C ILE D 110 -1.21 3.37 49.77
N ALA D 111 -1.61 2.16 50.14
CA ALA D 111 -1.70 1.81 51.54
C ALA D 111 -0.36 1.27 52.09
N LYS D 112 0.27 0.35 51.36
CA LYS D 112 1.44 -0.37 51.87
C LYS D 112 2.63 -0.06 51.01
N ASP D 113 3.78 0.13 51.65
CA ASP D 113 5.05 0.34 50.95
C ASP D 113 5.57 -1.00 50.41
N LEU D 114 6.76 -0.97 49.83
CA LEU D 114 7.30 -2.15 49.16
C LEU D 114 7.44 -3.35 50.10
N ASN D 115 7.74 -3.07 51.37
CA ASN D 115 7.90 -4.12 52.40
C ASN D 115 6.63 -4.55 53.12
N GLY D 116 5.49 -4.03 52.70
CA GLY D 116 4.24 -4.40 53.33
C GLY D 116 3.99 -3.58 54.58
N ASN D 117 4.85 -2.60 54.85
CA ASN D 117 4.60 -1.70 55.99
C ASN D 117 3.60 -0.59 55.64
N GLU D 118 2.97 -0.05 56.68
CA GLU D 118 1.97 1.00 56.49
C GLU D 118 2.58 2.25 55.88
N LEU D 119 1.95 2.79 54.85
CA LEU D 119 2.30 4.05 54.19
C LEU D 119 1.13 5.05 54.24
N ASN D 120 0.00 4.65 53.65
CA ASN D 120 -1.30 5.37 53.75
C ASN D 120 -1.20 6.83 53.28
N THR D 121 -0.78 6.99 52.03
CA THR D 121 -0.73 8.32 51.41
C THR D 121 -1.45 8.39 50.10
N TRP D 122 -2.17 9.50 49.96
CA TRP D 122 -2.66 10.00 48.69
C TRP D 122 -1.53 10.60 47.84
N PHE D 123 -1.67 10.34 46.54
CA PHE D 123 -0.82 10.88 45.47
C PHE D 123 -1.67 11.73 44.56
N HIS D 124 -1.12 12.80 43.98
CA HIS D 124 -1.83 13.66 43.05
C HIS D 124 -0.92 13.95 41.87
N GLU D 125 -1.53 13.97 40.70
CA GLU D 125 -0.84 14.27 39.43
C GLU D 125 -1.73 15.15 38.55
N THR D 126 -1.05 15.95 37.72
CA THR D 126 -1.71 16.74 36.73
C THR D 126 -1.19 16.32 35.34
N TRP D 127 -2.09 15.92 34.46
CA TRP D 127 -1.77 15.52 33.09
C TRP D 127 -2.53 16.37 32.10
N LYS D 128 -2.05 16.44 30.84
CA LYS D 128 -2.76 17.15 29.80
C LYS D 128 -2.84 16.32 28.52
N ARG D 129 -4.03 16.27 27.92
CA ARG D 129 -4.22 15.47 26.73
C ARG D 129 -3.38 16.02 25.58
N VAL D 130 -2.59 15.17 24.96
CA VAL D 130 -1.80 15.56 23.79
C VAL D 130 -2.70 15.49 22.55
N GLY D 131 -2.67 16.57 21.77
CA GLY D 131 -3.49 16.70 20.58
C GLY D 131 -2.72 17.08 19.34
N MSE D 132 -3.42 17.05 18.19
CA MSE D 132 -2.81 17.46 16.90
C MSE D 132 -3.18 18.86 16.57
O MSE D 132 -4.37 19.18 16.38
CB MSE D 132 -3.31 16.56 15.76
CG MSE D 132 -2.66 16.93 14.46
SE MSE D 132 -3.32 15.71 13.03
CE MSE D 132 -1.93 14.36 13.27
N PRO D 133 -2.18 19.76 16.43
CA PRO D 133 -2.54 21.12 15.97
C PRO D 133 -2.81 21.18 14.48
N ALA D 134 -3.22 22.34 13.98
CA ALA D 134 -3.54 22.48 12.57
C ALA D 134 -2.32 22.33 11.65
N LYS D 135 -1.15 22.72 12.12
CA LYS D 135 0.06 22.77 11.30
CA LYS D 135 0.06 22.78 11.29
C LYS D 135 1.25 22.31 12.09
N PHE D 136 2.22 21.70 11.40
CA PHE D 136 3.49 21.33 11.98
C PHE D 136 4.29 22.59 12.15
N PRO D 137 4.77 22.89 13.37
CA PRO D 137 5.48 24.18 13.45
C PRO D 137 6.74 24.26 12.58
N GLU D 138 6.94 25.40 11.95
CA GLU D 138 8.16 25.64 11.18
C GLU D 138 9.38 25.63 12.10
N ASP D 139 10.49 25.17 11.58
CA ASP D 139 11.78 25.18 12.30
C ASP D 139 11.81 24.26 13.53
N LEU D 140 10.81 23.39 13.68
CA LEU D 140 10.84 22.43 14.76
C LEU D 140 11.78 21.30 14.40
N VAL D 141 12.63 20.91 15.36
CA VAL D 141 13.49 19.73 15.27
C VAL D 141 12.86 18.56 16.04
N ARG D 142 12.66 17.48 15.32
CA ARG D 142 12.01 16.32 15.86
C ARG D 142 12.86 15.55 16.83
O1 UNL E . -14.84 -8.84 -33.31
O2 UNL E . -14.56 -8.38 -32.00
O3 UNL E . -15.65 -7.63 -33.95
O4 UNL E . -14.22 -6.77 -34.14
O5 UNL E . -12.87 -6.85 -34.81
O6 UNL E . -12.41 -8.76 -34.05
O7 UNL E . -11.26 -9.07 -34.89
O8 UNL E . -13.94 -9.60 -34.09
O9 UNL E . -13.28 -10.59 -33.28
O10 UNL E . -11.77 -6.10 -34.81
O11 UNL E . -17.63 -7.83 -32.88
C1 GOL F . -20.97 -19.33 -44.29
O1 GOL F . -21.54 -19.53 -42.98
C2 GOL F . -19.45 -19.33 -44.18
O2 GOL F . -19.05 -20.53 -43.48
C3 GOL F . -18.80 -19.30 -45.55
O3 GOL F . -18.34 -17.99 -45.89
O1 UNL G . 3.17 -8.07 -9.99
O2 UNL G . 1.83 -8.43 -10.62
O3 UNL G . 3.42 -8.91 -8.64
O4 UNL G . 4.19 -9.67 -10.85
O7 UNL G . 5.08 -7.38 -13.02
O8 UNL G . 3.20 -6.50 -10.31
O9 UNL G . 3.08 -6.05 -11.52
O10 UNL G . 5.34 -10.09 -12.37
O11 UNL G . 2.22 -8.26 -7.61
C1 PEG H . -11.20 4.17 -24.48
O1 PEG H . -9.84 4.57 -24.66
C2 PEG H . -11.29 2.73 -23.99
O2 PEG H . -11.65 2.66 -22.60
C3 PEG H . -12.55 1.59 -22.31
C4 PEG H . -12.00 0.27 -22.83
O4 PEG H . -12.27 -0.77 -21.91
C1 PEG I . -7.39 -15.76 -14.34
O1 PEG I . -8.38 -14.71 -14.48
C2 PEG I . -6.86 -16.27 -15.68
O2 PEG I . -5.89 -17.32 -15.54
C3 PEG I . -5.85 -18.27 -16.61
C4 PEG I . -5.04 -19.47 -16.17
O4 PEG I . -3.97 -19.67 -17.10
C1 PEG J . -2.60 11.63 -9.19
O1 PEG J . -3.58 10.95 -8.39
C2 PEG J . -1.31 10.82 -9.09
O2 PEG J . -0.29 11.37 -9.95
C3 PEG J . 0.88 10.54 -10.02
C4 PEG J . 1.82 10.82 -11.18
O4 PEG J . 2.08 9.63 -11.93
O1 UNL K . 5.77 8.10 9.30
O2 UNL K . 5.04 7.60 10.55
O3 UNL K . 5.02 8.21 8.10
O6 UNL K . 7.00 9.83 10.58
O7 UNL K . 8.21 10.03 11.22
O8 UNL K . 7.01 7.40 9.61
O9 UNL K . 7.85 7.22 10.74
O10 UNL K . 5.94 11.71 10.26
O11 UNL K . 4.53 6.69 7.67
C1 PEG L . 6.05 -3.24 27.86
O1 PEG L . 5.21 -2.11 27.61
C2 PEG L . 7.48 -2.90 27.50
O2 PEG L . 8.38 -3.49 28.45
C3 PEG L . 9.60 -2.76 28.61
C4 PEG L . 10.70 -3.67 29.17
O4 PEG L . 12.03 -3.28 28.74
O1 UNL M . 0.23 5.68 37.89
O2 UNL M . 0.36 5.06 36.44
O3 UNL M . 0.65 4.44 38.82
O4 UNL M . 2.31 5.01 38.41
O5 UNL M . 3.14 6.26 38.29
O6 UNL M . 2.39 7.33 37.42
O7 UNL M . 2.65 8.54 37.44
O8 UNL M . 0.36 7.11 37.62
O9 UNL M . -0.17 7.94 36.81
O10 UNL M . 4.42 6.07 38.09
O11 UNL M . -1.13 3.21 38.85
C1 PEG N . -6.13 14.71 18.46
O1 PEG N . -6.23 16.14 18.32
C2 PEG N . -6.10 13.96 17.13
O2 PEG N . -5.72 12.59 17.36
C3 PEG N . -6.80 11.66 17.49
C4 PEG N . -6.31 10.23 17.28
O4 PEG N . -5.00 10.06 17.87
#